data_9GWW
#
_entry.id   9GWW
#
_cell.length_a   82.869
_cell.length_b   57.290
_cell.length_c   91.979
_cell.angle_alpha   90.00
_cell.angle_beta   93.12
_cell.angle_gamma   90.00
#
_symmetry.space_group_name_H-M   'I 1 2 1'
#
loop_
_entity.id
_entity.type
_entity.pdbx_description
1 polymer 'Sulfoquinovose 1-dehydrogenase'
2 non-polymer 6-deoxy-6-sulfo-beta-D-glucopyranose
3 water water
#
_entity_poly.entity_id   1
_entity_poly.type   'polypeptide(L)'
_entity_poly.pdbx_seq_one_letter_code
;MGSSHHHHHHSSGMNRHTDTHYPSLADKVVLISGGASGIGRAFVEAFVAQGSRVAFLDLDAEAGQGLAHALGANSLFLPC
DVRDIERLKACVAEVERTWGAVDVLINNAARDDRHALADVSVEYWDERMQTNLRHAFFAAQAVAPGMARRGSGAIINMGS
ISWMRGRPGMVCYTTAKAALNGMTRTLARELGGQGIRINSLVPGAIRTERQDAMWAADPAGLEAASQAFIDQQMLKFRLD
ASDCARLALFLASDDSRGCTGQNFVVDAGLSIQ
;
_entity_poly.pdbx_strand_id   A,B
#
loop_
_chem_comp.id
_chem_comp.type
_chem_comp.name
_chem_comp.formula
YZT saccharide 6-deoxy-6-sulfo-beta-D-glucopyranose 'C6 H12 O8 S'
#
# COMPACT_ATOMS: atom_id res chain seq x y z
N SER A 11 -28.66 7.09 6.44
CA SER A 11 -27.19 7.14 6.61
C SER A 11 -26.76 6.07 7.63
N SER A 12 -27.70 5.63 8.45
CA SER A 12 -27.37 4.65 9.50
C SER A 12 -27.25 3.26 8.89
N GLY A 13 -27.68 3.12 7.63
CA GLY A 13 -27.67 1.82 6.97
C GLY A 13 -26.46 1.65 6.05
N MET A 14 -25.57 2.67 5.98
CA MET A 14 -24.49 2.74 5.00
C MET A 14 -23.25 1.92 5.42
N ASN A 15 -22.70 1.15 4.47
CA ASN A 15 -21.40 0.52 4.57
C ASN A 15 -20.33 1.59 4.81
N ARG A 16 -19.57 1.43 5.92
CA ARG A 16 -18.49 2.35 6.26
C ARG A 16 -17.17 1.82 5.68
N HIS A 17 -17.19 0.52 5.29
CA HIS A 17 -16.13 -0.22 4.62
C HIS A 17 -15.02 -0.66 5.57
N THR A 18 -14.69 0.15 6.57
CA THR A 18 -13.63 -0.20 7.52
C THR A 18 -13.99 0.34 8.91
N ASP A 19 -13.40 -0.28 9.95
CA ASP A 19 -13.50 0.27 11.30
C ASP A 19 -12.33 1.20 11.59
N THR A 20 -11.37 1.33 10.65
CA THR A 20 -10.23 2.18 10.88
C THR A 20 -10.66 3.64 10.89
N HIS A 21 -9.94 4.48 11.65
CA HIS A 21 -10.22 5.90 11.67
C HIS A 21 -8.97 6.67 11.27
N TYR A 22 -9.10 7.47 10.19
CA TYR A 22 -8.01 8.29 9.71
C TYR A 22 -8.35 9.73 10.01
N PRO A 23 -7.84 10.30 11.12
CA PRO A 23 -8.10 11.70 11.42
C PRO A 23 -7.71 12.64 10.29
N SER A 24 -6.61 12.33 9.58
CA SER A 24 -6.14 13.18 8.49
C SER A 24 -7.15 13.30 7.33
N LEU A 25 -8.17 12.42 7.27
CA LEU A 25 -9.15 12.46 6.19
C LEU A 25 -10.30 13.43 6.47
N ALA A 26 -10.55 13.75 7.74
CA ALA A 26 -11.64 14.66 8.10
C ALA A 26 -11.52 15.96 7.32
N ASP A 27 -12.63 16.37 6.69
CA ASP A 27 -12.75 17.66 6.03
C ASP A 27 -12.01 17.74 4.70
N LYS A 28 -11.33 16.67 4.30
CA LYS A 28 -10.58 16.71 3.06
C LYS A 28 -11.60 16.64 1.93
N VAL A 29 -11.29 17.35 0.83
CA VAL A 29 -12.11 17.39 -0.36
C VAL A 29 -11.68 16.26 -1.30
N VAL A 30 -12.61 15.32 -1.54
CA VAL A 30 -12.35 14.12 -2.31
C VAL A 30 -13.25 14.17 -3.54
N LEU A 31 -12.66 13.95 -4.73
CA LEU A 31 -13.36 13.96 -6.00
C LEU A 31 -13.19 12.61 -6.69
N ILE A 32 -14.30 11.97 -7.07
CA ILE A 32 -14.26 10.59 -7.58
C ILE A 32 -15.13 10.49 -8.83
N SER A 33 -14.57 9.93 -9.92
CA SER A 33 -15.28 9.78 -11.18
C SER A 33 -15.85 8.37 -11.21
N GLY A 34 -16.99 8.19 -11.89
CA GLY A 34 -17.73 6.95 -11.85
C GLY A 34 -18.14 6.59 -10.42
N GLY A 35 -18.57 7.60 -9.64
CA GLY A 35 -18.85 7.54 -8.20
C GLY A 35 -20.19 6.93 -7.81
N ALA A 36 -21.10 6.72 -8.76
CA ALA A 36 -22.48 6.43 -8.36
C ALA A 36 -22.73 4.93 -8.20
N SER A 37 -21.86 4.09 -8.74
CA SER A 37 -22.11 2.65 -8.56
C SER A 37 -20.79 1.91 -8.38
N GLY A 38 -20.89 0.62 -8.00
CA GLY A 38 -19.77 -0.31 -7.92
C GLY A 38 -18.63 0.24 -7.06
N ILE A 39 -17.41 0.15 -7.59
CA ILE A 39 -16.23 0.50 -6.81
C ILE A 39 -16.25 1.98 -6.44
N GLY A 40 -16.68 2.83 -7.38
CA GLY A 40 -16.75 4.28 -7.17
C GLY A 40 -17.70 4.63 -6.01
N ARG A 41 -18.83 3.91 -5.94
CA ARG A 41 -19.81 4.14 -4.90
C ARG A 41 -19.19 3.79 -3.56
N ALA A 42 -18.43 2.69 -3.53
CA ALA A 42 -17.77 2.28 -2.31
C ALA A 42 -16.76 3.32 -1.82
N PHE A 43 -16.01 3.90 -2.76
CA PHE A 43 -15.10 4.97 -2.39
C PHE A 43 -15.89 6.09 -1.75
N VAL A 44 -17.03 6.46 -2.36
CA VAL A 44 -17.78 7.63 -1.92
C VAL A 44 -18.26 7.41 -0.49
N GLU A 45 -18.83 6.23 -0.24
CA GLU A 45 -19.30 5.86 1.09
C GLU A 45 -18.16 5.88 2.12
N ALA A 46 -17.01 5.27 1.73
CA ALA A 46 -15.93 5.08 2.68
C ALA A 46 -15.38 6.45 3.12
N PHE A 47 -15.25 7.40 2.19
CA PHE A 47 -14.62 8.67 2.56
C PHE A 47 -15.60 9.55 3.34
N VAL A 48 -16.85 9.45 2.96
CA VAL A 48 -17.93 10.12 3.67
C VAL A 48 -17.90 9.67 5.13
N ALA A 49 -17.75 8.35 5.32
CA ALA A 49 -17.71 7.76 6.66
C ALA A 49 -16.50 8.22 7.47
N GLN A 50 -15.52 8.86 6.82
CA GLN A 50 -14.32 9.36 7.51
C GLN A 50 -14.43 10.87 7.73
N GLY A 51 -15.59 11.43 7.36
CA GLY A 51 -15.84 12.86 7.55
C GLY A 51 -15.20 13.72 6.47
N SER A 52 -14.82 13.09 5.34
CA SER A 52 -14.42 13.87 4.17
C SER A 52 -15.64 14.55 3.53
N ARG A 53 -15.36 15.63 2.78
CA ARG A 53 -16.29 16.24 1.84
C ARG A 53 -16.07 15.65 0.43
N VAL A 54 -17.03 14.82 -0.02
CA VAL A 54 -16.85 13.98 -1.20
C VAL A 54 -17.77 14.44 -2.34
N ALA A 55 -17.16 14.89 -3.44
CA ALA A 55 -17.83 15.14 -4.70
C ALA A 55 -17.65 13.92 -5.59
N PHE A 56 -18.69 13.56 -6.36
CA PHE A 56 -18.55 12.48 -7.31
C PHE A 56 -19.27 12.81 -8.61
N LEU A 57 -18.72 12.26 -9.69
CA LEU A 57 -19.13 12.44 -11.08
C LEU A 57 -19.70 11.11 -11.55
N ASP A 58 -20.80 11.16 -12.29
CA ASP A 58 -21.28 9.94 -12.93
C ASP A 58 -22.24 10.31 -14.04
N LEU A 59 -22.35 9.41 -15.02
CA LEU A 59 -23.25 9.59 -16.15
C LEU A 59 -24.69 9.36 -15.67
N ASP A 60 -24.90 8.46 -14.70
CA ASP A 60 -26.25 8.07 -14.31
C ASP A 60 -26.81 9.04 -13.27
N ALA A 61 -27.64 10.00 -13.73
CA ALA A 61 -28.12 11.12 -12.91
C ALA A 61 -28.97 10.64 -11.74
N GLU A 62 -29.86 9.67 -11.98
CA GLU A 62 -30.79 9.19 -10.95
C GLU A 62 -30.02 8.38 -9.89
N ALA A 63 -29.09 7.53 -10.33
CA ALA A 63 -28.27 6.82 -9.35
C ALA A 63 -27.45 7.84 -8.56
N GLY A 64 -26.88 8.84 -9.25
CA GLY A 64 -26.04 9.82 -8.59
C GLY A 64 -26.78 10.59 -7.50
N GLN A 65 -27.97 11.10 -7.85
CA GLN A 65 -28.72 11.96 -6.96
C GLN A 65 -29.25 11.14 -5.79
N GLY A 66 -29.68 9.90 -6.02
CA GLY A 66 -30.14 9.08 -4.91
C GLY A 66 -29.02 8.78 -3.91
N LEU A 67 -27.80 8.58 -4.41
CA LEU A 67 -26.71 8.22 -3.52
C LEU A 67 -26.33 9.47 -2.70
N ALA A 68 -26.28 10.64 -3.34
CA ALA A 68 -25.96 11.87 -2.62
C ALA A 68 -27.04 12.18 -1.59
N HIS A 69 -28.30 11.94 -1.97
CA HIS A 69 -29.39 12.11 -1.02
C HIS A 69 -29.21 11.16 0.18
N ALA A 70 -28.90 9.89 -0.08
CA ALA A 70 -28.67 8.95 1.02
C ALA A 70 -27.49 9.36 1.94
N LEU A 71 -26.45 10.02 1.40
CA LEU A 71 -25.22 10.29 2.14
C LEU A 71 -25.27 11.66 2.84
N GLY A 72 -26.05 12.58 2.30
CA GLY A 72 -26.20 13.84 3.00
C GLY A 72 -25.22 14.89 2.51
N ALA A 73 -25.09 15.95 3.30
CA ALA A 73 -24.61 17.25 2.85
C ALA A 73 -23.09 17.29 2.69
N ASN A 74 -22.38 16.25 3.16
CA ASN A 74 -20.96 16.16 2.87
C ASN A 74 -20.69 15.37 1.58
N SER A 75 -21.76 15.06 0.83
CA SER A 75 -21.67 14.44 -0.49
C SER A 75 -22.24 15.41 -1.51
N LEU A 76 -21.61 15.47 -2.70
CA LEU A 76 -22.02 16.34 -3.78
C LEU A 76 -21.96 15.55 -5.09
N PHE A 77 -23.11 15.39 -5.76
CA PHE A 77 -23.13 14.67 -7.04
C PHE A 77 -23.17 15.66 -8.19
N LEU A 78 -22.24 15.53 -9.14
CA LEU A 78 -22.25 16.31 -10.36
C LEU A 78 -22.45 15.34 -11.51
N PRO A 79 -23.51 15.52 -12.33
CA PRO A 79 -23.64 14.74 -13.55
C PRO A 79 -22.51 15.07 -14.53
N CYS A 80 -21.94 14.04 -15.16
CA CYS A 80 -20.79 14.23 -16.01
C CYS A 80 -20.57 13.00 -16.89
N ASP A 81 -20.47 13.26 -18.19
CA ASP A 81 -19.91 12.30 -19.12
C ASP A 81 -18.41 12.62 -19.27
N VAL A 82 -17.56 11.71 -18.75
CA VAL A 82 -16.12 11.95 -18.64
C VAL A 82 -15.45 12.08 -20.02
N ARG A 83 -16.09 11.50 -21.05
CA ARG A 83 -15.72 11.76 -22.44
C ARG A 83 -15.75 13.26 -22.72
N ASP A 84 -16.67 13.99 -22.08
CA ASP A 84 -16.82 15.42 -22.35
C ASP A 84 -15.89 16.20 -21.44
N ILE A 85 -14.73 16.61 -21.99
CA ILE A 85 -13.70 17.23 -21.19
C ILE A 85 -14.17 18.59 -20.67
N GLU A 86 -15.01 19.26 -21.45
CA GLU A 86 -15.48 20.59 -21.09
C GLU A 86 -16.33 20.51 -19.81
N ARG A 87 -17.24 19.55 -19.78
CA ARG A 87 -18.06 19.27 -18.60
C ARG A 87 -17.20 18.80 -17.42
N LEU A 88 -16.26 17.88 -17.69
CA LEU A 88 -15.29 17.46 -16.70
C LEU A 88 -14.63 18.67 -16.05
N LYS A 89 -14.09 19.60 -16.84
CA LYS A 89 -13.45 20.77 -16.24
C LYS A 89 -14.47 21.65 -15.52
N ALA A 90 -15.73 21.69 -15.99
CA ALA A 90 -16.71 22.50 -15.28
C ALA A 90 -17.05 21.88 -13.94
N CYS A 91 -17.15 20.54 -13.91
CA CYS A 91 -17.39 19.84 -12.65
C CYS A 91 -16.32 20.16 -11.62
N VAL A 92 -15.06 20.15 -12.05
CA VAL A 92 -13.93 20.42 -11.17
C VAL A 92 -14.07 21.84 -10.62
N ALA A 93 -14.27 22.81 -11.52
CA ALA A 93 -14.31 24.22 -11.13
C ALA A 93 -15.43 24.43 -10.12
N GLU A 94 -16.54 23.68 -10.28
CA GLU A 94 -17.69 23.83 -9.40
C GLU A 94 -17.37 23.28 -8.01
N VAL A 95 -16.68 22.13 -7.98
CA VAL A 95 -16.21 21.58 -6.72
C VAL A 95 -15.32 22.60 -6.02
N GLU A 96 -14.37 23.18 -6.74
CA GLU A 96 -13.44 24.15 -6.19
C GLU A 96 -14.16 25.35 -5.58
N ARG A 97 -15.20 25.84 -6.26
CA ARG A 97 -15.94 27.00 -5.79
C ARG A 97 -16.72 26.63 -4.53
N THR A 98 -17.30 25.41 -4.47
CA THR A 98 -18.05 24.99 -3.31
C THR A 98 -17.13 24.85 -2.09
N TRP A 99 -16.08 24.04 -2.23
CA TRP A 99 -15.36 23.49 -1.09
C TRP A 99 -13.89 23.89 -1.08
N GLY A 100 -13.42 24.57 -2.14
CA GLY A 100 -11.99 24.86 -2.28
C GLY A 100 -11.25 23.77 -3.09
N ALA A 101 -9.92 23.90 -3.15
CA ALA A 101 -9.03 22.99 -3.87
C ALA A 101 -9.31 21.53 -3.51
N VAL A 102 -9.34 20.64 -4.50
CA VAL A 102 -9.46 19.22 -4.20
C VAL A 102 -8.22 18.75 -3.42
N ASP A 103 -8.44 17.90 -2.41
CA ASP A 103 -7.35 17.23 -1.69
C ASP A 103 -7.03 15.87 -2.33
N VAL A 104 -8.07 15.07 -2.67
CA VAL A 104 -7.85 13.73 -3.17
C VAL A 104 -8.63 13.59 -4.47
N LEU A 105 -7.98 13.23 -5.58
CA LEU A 105 -8.69 12.88 -6.81
C LEU A 105 -8.58 11.38 -7.04
N ILE A 106 -9.72 10.74 -7.36
CA ILE A 106 -9.70 9.33 -7.72
C ILE A 106 -10.26 9.18 -9.13
N ASN A 107 -9.36 8.87 -10.09
CA ASN A 107 -9.76 8.66 -11.46
C ASN A 107 -10.22 7.22 -11.56
N ASN A 108 -11.54 7.02 -11.51
CA ASN A 108 -12.12 5.70 -11.36
C ASN A 108 -12.96 5.37 -12.60
N ALA A 109 -13.53 6.36 -13.29
CA ALA A 109 -14.49 6.04 -14.33
C ALA A 109 -13.85 5.20 -15.46
N ALA A 110 -14.57 4.15 -15.89
CA ALA A 110 -13.98 3.27 -16.86
C ALA A 110 -15.07 2.39 -17.44
N ARG A 111 -14.76 1.71 -18.57
CA ARG A 111 -15.69 0.80 -19.24
C ARG A 111 -14.91 -0.43 -19.66
N ASP A 112 -15.22 -1.59 -19.07
CA ASP A 112 -14.43 -2.78 -19.33
C ASP A 112 -15.17 -3.77 -20.23
N ASP A 113 -16.16 -3.29 -20.99
CA ASP A 113 -16.91 -4.13 -21.93
C ASP A 113 -15.93 -4.90 -22.82
N ARG A 114 -16.17 -6.20 -22.94
CA ARG A 114 -15.36 -7.11 -23.74
C ARG A 114 -15.48 -6.76 -25.23
N HIS A 115 -14.38 -6.95 -25.98
CA HIS A 115 -14.39 -6.69 -27.40
C HIS A 115 -13.25 -7.45 -28.07
N ALA A 116 -13.52 -7.98 -29.28
CA ALA A 116 -12.56 -8.77 -30.01
C ALA A 116 -11.54 -7.87 -30.73
N LEU A 117 -10.25 -8.24 -30.62
CA LEU A 117 -9.16 -7.50 -31.25
C LEU A 117 -9.49 -7.17 -32.70
N ALA A 118 -9.91 -8.21 -33.44
CA ALA A 118 -10.03 -8.15 -34.89
C ALA A 118 -11.13 -7.18 -35.32
N ASP A 119 -12.13 -6.96 -34.44
CA ASP A 119 -13.35 -6.23 -34.78
C ASP A 119 -13.26 -4.73 -34.44
N VAL A 120 -12.29 -4.30 -33.62
CA VAL A 120 -12.26 -2.91 -33.17
C VAL A 120 -12.16 -1.95 -34.35
N SER A 121 -13.05 -0.92 -34.40
CA SER A 121 -12.97 0.10 -35.44
C SER A 121 -12.21 1.31 -34.90
N VAL A 122 -11.94 2.30 -35.75
CA VAL A 122 -11.28 3.53 -35.33
C VAL A 122 -12.13 4.31 -34.32
N GLU A 123 -13.45 4.33 -34.55
CA GLU A 123 -14.36 5.05 -33.66
C GLU A 123 -14.44 4.38 -32.30
N TYR A 124 -14.53 3.04 -32.28
CA TYR A 124 -14.64 2.30 -31.03
C TYR A 124 -13.38 2.51 -30.19
N TRP A 125 -12.22 2.49 -30.85
CA TRP A 125 -10.93 2.63 -30.22
C TRP A 125 -10.87 4.00 -29.55
N ASP A 126 -11.24 5.04 -30.32
CA ASP A 126 -11.12 6.41 -29.84
C ASP A 126 -12.02 6.60 -28.62
N GLU A 127 -13.26 6.09 -28.70
CA GLU A 127 -14.22 6.36 -27.66
C GLU A 127 -13.82 5.60 -26.40
N ARG A 128 -13.30 4.36 -26.56
CA ARG A 128 -12.88 3.52 -25.45
C ARG A 128 -11.70 4.18 -24.74
N MET A 129 -10.82 4.85 -25.53
CA MET A 129 -9.65 5.51 -24.97
C MET A 129 -10.09 6.76 -24.21
N GLN A 130 -11.14 7.42 -24.73
CA GLN A 130 -11.64 8.64 -24.11
C GLN A 130 -12.34 8.31 -22.80
N THR A 131 -13.04 7.18 -22.75
CA THR A 131 -13.80 6.69 -21.60
C THR A 131 -12.91 6.11 -20.50
N ASN A 132 -11.75 5.55 -20.90
CA ASN A 132 -10.89 4.78 -20.00
C ASN A 132 -9.60 5.52 -19.65
N LEU A 133 -9.13 6.47 -20.48
CA LEU A 133 -7.81 7.04 -20.25
C LEU A 133 -7.84 8.56 -20.19
N ARG A 134 -8.43 9.21 -21.20
CA ARG A 134 -8.18 10.62 -21.45
C ARG A 134 -8.55 11.49 -20.26
N HIS A 135 -9.68 11.14 -19.63
CA HIS A 135 -10.27 11.91 -18.55
C HIS A 135 -9.34 11.91 -17.35
N ALA A 136 -8.66 10.78 -17.13
CA ALA A 136 -7.78 10.71 -15.98
C ALA A 136 -6.68 11.79 -16.12
N PHE A 137 -6.22 12.08 -17.34
CA PHE A 137 -5.16 13.08 -17.47
C PHE A 137 -5.74 14.48 -17.21
N PHE A 138 -6.88 14.77 -17.83
CA PHE A 138 -7.44 16.12 -17.74
C PHE A 138 -7.97 16.42 -16.34
N ALA A 139 -8.52 15.39 -15.67
CA ALA A 139 -8.93 15.59 -14.29
C ALA A 139 -7.73 15.96 -13.44
N ALA A 140 -6.60 15.26 -13.69
CA ALA A 140 -5.36 15.56 -12.98
C ALA A 140 -4.94 17.01 -13.26
N GLN A 141 -4.98 17.39 -14.53
CA GLN A 141 -4.55 18.72 -14.94
C GLN A 141 -5.42 19.79 -14.29
N ALA A 142 -6.72 19.50 -14.10
CA ALA A 142 -7.66 20.46 -13.54
C ALA A 142 -7.44 20.63 -12.03
N VAL A 143 -7.16 19.53 -11.31
CA VAL A 143 -7.02 19.63 -9.87
C VAL A 143 -5.67 20.22 -9.50
N ALA A 144 -4.67 20.04 -10.37
CA ALA A 144 -3.28 20.31 -10.03
C ALA A 144 -3.08 21.75 -9.55
N PRO A 145 -3.55 22.81 -10.24
CA PRO A 145 -3.19 24.18 -9.87
C PRO A 145 -3.59 24.54 -8.45
N GLY A 146 -4.82 24.15 -8.07
CA GLY A 146 -5.37 24.34 -6.74
C GLY A 146 -4.58 23.57 -5.69
N MET A 147 -4.25 22.30 -5.99
CA MET A 147 -3.40 21.54 -5.10
C MET A 147 -2.07 22.28 -4.89
N ALA A 148 -1.53 22.82 -5.97
CA ALA A 148 -0.17 23.37 -5.92
C ALA A 148 -0.17 24.65 -5.08
N ARG A 149 -1.26 25.42 -5.18
CA ARG A 149 -1.43 26.66 -4.42
C ARG A 149 -1.35 26.33 -2.95
N ARG A 150 -2.07 25.28 -2.53
CA ARG A 150 -2.00 24.81 -1.16
C ARG A 150 -0.62 24.20 -0.86
N GLY A 151 -0.01 23.53 -1.83
CA GLY A 151 1.24 22.82 -1.60
C GLY A 151 1.05 21.37 -1.19
N SER A 152 -0.12 20.78 -1.49
CA SER A 152 -0.40 19.40 -1.13
C SER A 152 -1.56 18.85 -1.94
N GLY A 153 -1.58 17.51 -2.08
CA GLY A 153 -2.66 16.84 -2.78
C GLY A 153 -2.28 15.40 -3.08
N ALA A 154 -3.29 14.58 -3.39
CA ALA A 154 -3.08 13.17 -3.69
C ALA A 154 -3.98 12.82 -4.86
N ILE A 155 -3.42 12.04 -5.80
CA ILE A 155 -4.16 11.51 -6.93
C ILE A 155 -4.04 9.98 -6.88
N ILE A 156 -5.15 9.29 -7.14
CA ILE A 156 -5.14 7.84 -7.23
C ILE A 156 -5.75 7.47 -8.57
N ASN A 157 -4.97 6.78 -9.41
CA ASN A 157 -5.44 6.33 -10.71
C ASN A 157 -5.83 4.89 -10.51
N MET A 158 -7.06 4.53 -10.88
CA MET A 158 -7.46 3.13 -10.85
C MET A 158 -6.79 2.41 -12.02
N GLY A 159 -5.90 1.48 -11.68
CA GLY A 159 -5.20 0.59 -12.57
C GLY A 159 -5.96 -0.72 -12.74
N SER A 160 -5.30 -1.75 -13.30
CA SER A 160 -5.90 -3.08 -13.39
C SER A 160 -4.78 -4.10 -13.55
N ILE A 161 -4.93 -5.31 -12.99
CA ILE A 161 -3.93 -6.35 -13.20
C ILE A 161 -4.11 -6.99 -14.58
N SER A 162 -5.19 -6.64 -15.30
CA SER A 162 -5.53 -7.30 -16.55
C SER A 162 -4.40 -7.22 -17.55
N TRP A 163 -3.80 -6.03 -17.68
CA TRP A 163 -2.74 -5.92 -18.67
C TRP A 163 -1.50 -6.63 -18.16
N MET A 164 -1.27 -6.63 -16.85
CA MET A 164 -0.10 -7.30 -16.27
C MET A 164 -0.14 -8.80 -16.59
N ARG A 165 -1.33 -9.37 -16.47
CA ARG A 165 -1.61 -10.76 -16.79
C ARG A 165 -1.85 -10.97 -18.28
N GLY A 166 -1.68 -9.91 -19.08
CA GLY A 166 -1.90 -9.99 -20.53
C GLY A 166 -3.24 -10.66 -20.87
N ARG A 167 -4.32 -10.21 -20.21
CA ARG A 167 -5.66 -10.74 -20.44
C ARG A 167 -6.13 -10.32 -21.83
N PRO A 168 -6.60 -11.29 -22.65
CA PRO A 168 -7.11 -10.99 -23.98
C PRO A 168 -8.57 -10.51 -23.95
N GLY A 169 -9.04 -9.91 -25.05
CA GLY A 169 -10.47 -9.77 -25.30
C GLY A 169 -11.03 -8.42 -24.87
N MET A 170 -10.15 -7.44 -24.61
CA MET A 170 -10.58 -6.10 -24.27
C MET A 170 -9.40 -5.14 -24.41
N VAL A 171 -8.82 -5.15 -25.62
CA VAL A 171 -7.55 -4.49 -25.94
C VAL A 171 -7.62 -3.04 -25.47
N CYS A 172 -8.74 -2.33 -25.73
CA CYS A 172 -8.75 -0.91 -25.46
C CYS A 172 -8.67 -0.63 -23.95
N TYR A 173 -9.34 -1.47 -23.13
CA TYR A 173 -9.42 -1.33 -21.69
C TYR A 173 -8.07 -1.65 -21.08
N THR A 174 -7.48 -2.78 -21.48
CA THR A 174 -6.19 -3.22 -20.93
C THR A 174 -5.10 -2.23 -21.35
N THR A 175 -5.24 -1.64 -22.55
CA THR A 175 -4.21 -0.75 -23.06
C THR A 175 -4.25 0.58 -22.32
N ALA A 176 -5.47 1.06 -22.05
CA ALA A 176 -5.72 2.27 -21.27
C ALA A 176 -5.16 2.12 -19.86
N LYS A 177 -5.47 0.96 -19.24
CA LYS A 177 -4.96 0.65 -17.92
C LYS A 177 -3.43 0.63 -17.90
N ALA A 178 -2.78 0.03 -18.91
CA ALA A 178 -1.33 0.04 -19.00
C ALA A 178 -0.81 1.48 -19.14
N ALA A 179 -1.54 2.31 -19.89
CA ALA A 179 -1.21 3.72 -20.09
C ALA A 179 -1.19 4.48 -18.76
N LEU A 180 -2.18 4.20 -17.89
CA LEU A 180 -2.28 4.82 -16.57
C LEU A 180 -1.10 4.43 -15.68
N ASN A 181 -0.59 3.21 -15.88
CA ASN A 181 0.59 2.74 -15.17
C ASN A 181 1.75 3.69 -15.44
N GLY A 182 1.94 4.05 -16.71
CA GLY A 182 3.01 5.01 -17.04
C GLY A 182 2.68 6.43 -16.58
N MET A 183 1.43 6.87 -16.77
CA MET A 183 1.06 8.24 -16.48
C MET A 183 1.25 8.51 -14.98
N THR A 184 0.89 7.51 -14.14
CA THR A 184 1.20 7.62 -12.72
C THR A 184 2.65 8.04 -12.48
N ARG A 185 3.61 7.33 -13.07
CA ARG A 185 5.02 7.56 -12.78
C ARG A 185 5.46 8.95 -13.25
N THR A 186 5.09 9.37 -14.47
CA THR A 186 5.57 10.65 -15.00
C THR A 186 4.88 11.82 -14.30
N LEU A 187 3.56 11.65 -14.03
CA LEU A 187 2.86 12.70 -13.30
C LEU A 187 3.41 12.84 -11.88
N ALA A 188 3.77 11.71 -11.27
CA ALA A 188 4.34 11.75 -9.93
C ALA A 188 5.59 12.65 -9.92
N ARG A 189 6.40 12.55 -10.97
CA ARG A 189 7.61 13.33 -11.03
C ARG A 189 7.24 14.78 -11.37
N GLU A 190 6.41 14.93 -12.41
CA GLU A 190 6.10 16.26 -12.89
C GLU A 190 5.46 17.11 -11.80
N LEU A 191 4.67 16.49 -10.89
CA LEU A 191 3.88 17.28 -9.96
C LEU A 191 4.42 17.23 -8.53
N GLY A 192 5.31 16.26 -8.27
CA GLY A 192 5.80 16.07 -6.91
C GLY A 192 6.44 17.33 -6.33
N GLY A 193 7.09 18.14 -7.18
CA GLY A 193 7.73 19.36 -6.72
C GLY A 193 6.71 20.35 -6.14
N GLN A 194 5.43 20.14 -6.48
CA GLN A 194 4.33 20.98 -5.99
C GLN A 194 3.63 20.39 -4.76
N GLY A 195 4.12 19.26 -4.23
CA GLY A 195 3.49 18.60 -3.10
C GLY A 195 2.43 17.54 -3.48
N ILE A 196 2.25 17.28 -4.78
CA ILE A 196 1.22 16.34 -5.18
C ILE A 196 1.84 14.95 -5.34
N ARG A 197 1.24 13.96 -4.64
CA ARG A 197 1.61 12.57 -4.80
C ARG A 197 0.57 11.83 -5.64
N ILE A 198 1.04 10.83 -6.39
CA ILE A 198 0.19 10.18 -7.38
C ILE A 198 0.55 8.70 -7.36
N ASN A 199 -0.46 7.85 -7.17
CA ASN A 199 -0.18 6.43 -7.16
C ASN A 199 -1.32 5.74 -7.92
N SER A 200 -1.15 4.44 -8.16
CA SER A 200 -2.21 3.70 -8.82
C SER A 200 -2.70 2.60 -7.85
N LEU A 201 -4.02 2.54 -7.69
CA LEU A 201 -4.66 1.46 -6.96
C LEU A 201 -5.03 0.42 -8.01
N VAL A 202 -4.55 -0.80 -7.85
CA VAL A 202 -4.63 -1.80 -8.91
C VAL A 202 -5.42 -3.02 -8.39
N PRO A 203 -6.72 -3.10 -8.68
CA PRO A 203 -7.47 -4.22 -8.13
C PRO A 203 -7.33 -5.47 -8.98
N GLY A 204 -7.60 -6.63 -8.36
CA GLY A 204 -7.73 -7.88 -9.04
C GLY A 204 -9.17 -7.98 -9.48
N ALA A 205 -9.75 -9.16 -9.30
CA ALA A 205 -11.09 -9.43 -9.77
C ALA A 205 -12.08 -9.15 -8.64
N ILE A 206 -12.76 -8.02 -8.80
CA ILE A 206 -13.59 -7.46 -7.76
C ILE A 206 -15.03 -7.88 -8.03
N ARG A 207 -15.67 -8.48 -7.02
CA ARG A 207 -17.09 -8.80 -7.12
C ARG A 207 -17.84 -7.48 -6.98
N THR A 208 -18.65 -7.13 -7.99
CA THR A 208 -19.56 -6.00 -7.97
C THR A 208 -20.84 -6.47 -8.67
N GLU A 209 -21.85 -5.60 -8.73
CA GLU A 209 -23.13 -5.90 -9.35
C GLU A 209 -22.96 -6.13 -10.86
N ARG A 210 -22.19 -5.24 -11.52
CA ARG A 210 -21.88 -5.30 -12.94
C ARG A 210 -21.01 -6.51 -13.26
N GLN A 211 -19.95 -6.72 -12.47
CA GLN A 211 -19.03 -7.81 -12.72
C GLN A 211 -19.78 -9.13 -12.59
N ASP A 212 -20.65 -9.23 -11.59
CA ASP A 212 -21.54 -10.36 -11.47
C ASP A 212 -22.34 -10.55 -12.75
N ALA A 213 -23.18 -9.56 -13.13
CA ALA A 213 -24.00 -9.68 -14.31
C ALA A 213 -23.13 -9.96 -15.53
N ALA A 220 -23.66 -23.62 -12.52
CA ALA A 220 -23.03 -22.48 -11.78
C ALA A 220 -23.14 -21.18 -12.58
N GLY A 221 -22.19 -20.94 -13.50
CA GLY A 221 -22.12 -19.78 -14.38
C GLY A 221 -21.32 -18.63 -13.75
N LEU A 222 -22.03 -17.81 -12.96
CA LEU A 222 -21.43 -16.87 -12.04
C LEU A 222 -20.61 -17.65 -11.02
N GLU A 223 -21.23 -18.66 -10.41
CA GLU A 223 -20.61 -19.43 -9.34
C GLU A 223 -19.31 -20.04 -9.86
N ALA A 224 -19.35 -20.55 -11.10
CA ALA A 224 -18.22 -21.29 -11.62
C ALA A 224 -17.03 -20.34 -11.84
N ALA A 225 -17.32 -19.17 -12.41
CA ALA A 225 -16.30 -18.17 -12.74
C ALA A 225 -15.70 -17.59 -11.45
N SER A 226 -16.56 -17.45 -10.43
CA SER A 226 -16.12 -16.97 -9.14
C SER A 226 -15.17 -17.97 -8.48
N GLN A 227 -15.48 -19.28 -8.62
CA GLN A 227 -14.62 -20.33 -8.08
C GLN A 227 -13.25 -20.33 -8.75
N ALA A 228 -13.23 -20.08 -10.07
CA ALA A 228 -11.99 -20.07 -10.82
C ALA A 228 -11.07 -18.94 -10.32
N PHE A 229 -11.66 -17.80 -9.93
CA PHE A 229 -10.87 -16.72 -9.32
C PHE A 229 -10.27 -17.17 -8.00
N ILE A 230 -11.06 -17.85 -7.17
CA ILE A 230 -10.58 -18.34 -5.88
C ILE A 230 -9.47 -19.36 -6.11
N ASP A 231 -9.61 -20.20 -7.12
CA ASP A 231 -8.64 -21.25 -7.31
C ASP A 231 -7.34 -20.64 -7.83
N GLN A 232 -7.46 -19.52 -8.55
CA GLN A 232 -6.28 -18.95 -9.18
C GLN A 232 -5.54 -18.03 -8.22
N GLN A 233 -6.31 -17.41 -7.29
CA GLN A 233 -5.80 -16.53 -6.26
C GLN A 233 -4.98 -17.32 -5.23
N MET A 234 -4.07 -16.61 -4.56
CA MET A 234 -3.35 -17.16 -3.42
C MET A 234 -4.19 -17.19 -2.15
N LEU A 235 -5.01 -16.15 -1.88
CA LEU A 235 -5.91 -16.15 -0.74
C LEU A 235 -7.28 -16.62 -1.20
N LYS A 236 -7.93 -17.54 -0.48
CA LYS A 236 -9.04 -18.27 -1.09
C LYS A 236 -10.39 -17.62 -0.78
N PHE A 237 -10.54 -16.33 -1.08
CA PHE A 237 -11.83 -15.65 -0.86
C PHE A 237 -12.02 -14.58 -1.94
N ARG A 238 -13.26 -14.17 -2.21
CA ARG A 238 -13.50 -13.19 -3.27
C ARG A 238 -13.29 -11.79 -2.71
N LEU A 239 -12.58 -10.94 -3.48
CA LEU A 239 -12.41 -9.55 -3.11
C LEU A 239 -13.68 -8.81 -3.54
N ASP A 240 -13.98 -7.72 -2.83
CA ASP A 240 -15.12 -6.88 -3.16
C ASP A 240 -14.68 -5.41 -3.14
N ALA A 241 -15.66 -4.53 -3.30
CA ALA A 241 -15.48 -3.10 -3.43
C ALA A 241 -14.83 -2.54 -2.17
N SER A 242 -15.12 -3.16 -1.01
CA SER A 242 -14.65 -2.66 0.26
C SER A 242 -13.14 -2.82 0.33
N ASP A 243 -12.66 -3.89 -0.30
CA ASP A 243 -11.22 -4.13 -0.32
C ASP A 243 -10.50 -2.98 -1.02
N CYS A 244 -11.10 -2.47 -2.10
CA CYS A 244 -10.57 -1.37 -2.88
C CYS A 244 -10.64 -0.09 -2.05
N ALA A 245 -11.78 0.12 -1.36
CA ALA A 245 -12.00 1.36 -0.62
C ALA A 245 -11.02 1.51 0.53
N ARG A 246 -10.73 0.38 1.21
CA ARG A 246 -9.79 0.38 2.31
C ARG A 246 -8.43 0.79 1.80
N LEU A 247 -8.05 0.26 0.62
CA LEU A 247 -6.78 0.67 0.04
C LEU A 247 -6.78 2.16 -0.31
N ALA A 248 -7.87 2.63 -0.96
CA ALA A 248 -8.00 4.05 -1.29
C ALA A 248 -7.83 5.01 -0.10
N LEU A 249 -8.43 4.66 1.05
CA LEU A 249 -8.38 5.52 2.23
C LEU A 249 -6.93 5.69 2.66
N PHE A 250 -6.18 4.56 2.63
CA PHE A 250 -4.79 4.60 3.06
C PHE A 250 -3.99 5.52 2.12
N LEU A 251 -4.23 5.35 0.81
CA LEU A 251 -3.51 6.10 -0.23
C LEU A 251 -3.88 7.58 -0.21
N ALA A 252 -5.07 7.91 0.34
CA ALA A 252 -5.48 9.29 0.48
C ALA A 252 -4.96 9.95 1.78
N SER A 253 -4.80 9.17 2.84
CA SER A 253 -4.50 9.70 4.17
C SER A 253 -3.05 10.17 4.29
N ASP A 254 -2.70 10.82 5.41
CA ASP A 254 -1.35 11.26 5.74
C ASP A 254 -0.39 10.11 6.10
N ASP A 255 -0.97 8.91 6.19
CA ASP A 255 -0.18 7.71 6.45
C ASP A 255 0.54 7.21 5.20
N SER A 256 0.20 7.73 4.01
CA SER A 256 0.91 7.38 2.79
C SER A 256 1.56 8.64 2.23
N ARG A 257 1.83 9.64 3.08
CA ARG A 257 2.31 10.93 2.61
C ARG A 257 3.55 10.79 1.72
N GLY A 258 4.42 9.82 2.05
CA GLY A 258 5.71 9.70 1.38
C GLY A 258 5.66 8.78 0.16
N CYS A 259 4.47 8.21 -0.16
CA CYS A 259 4.37 7.25 -1.27
C CYS A 259 3.91 7.93 -2.55
N THR A 260 4.69 7.77 -3.63
CA THR A 260 4.31 8.38 -4.89
C THR A 260 4.96 7.59 -6.03
N GLY A 261 4.33 7.67 -7.21
CA GLY A 261 4.83 7.02 -8.40
C GLY A 261 4.58 5.51 -8.43
N GLN A 262 3.76 4.98 -7.50
CA GLN A 262 3.83 3.55 -7.25
C GLN A 262 2.48 2.83 -7.49
N ASN A 263 2.56 1.55 -7.81
CA ASN A 263 1.36 0.72 -7.79
C ASN A 263 1.14 0.10 -6.42
N PHE A 264 -0.12 -0.06 -6.01
CA PHE A 264 -0.47 -0.85 -4.84
C PHE A 264 -1.54 -1.84 -5.31
N VAL A 265 -1.24 -3.13 -5.26
CA VAL A 265 -2.06 -4.13 -5.89
C VAL A 265 -2.88 -4.84 -4.82
N VAL A 266 -4.21 -4.82 -4.99
CA VAL A 266 -5.10 -5.52 -4.08
C VAL A 266 -5.80 -6.60 -4.91
N ASP A 267 -5.23 -7.82 -4.92
CA ASP A 267 -5.64 -8.82 -5.90
C ASP A 267 -5.62 -10.24 -5.34
N ALA A 268 -5.35 -10.40 -4.04
CA ALA A 268 -5.38 -11.73 -3.45
C ALA A 268 -4.45 -12.66 -4.22
N GLY A 269 -3.47 -12.09 -4.94
CA GLY A 269 -2.48 -12.94 -5.62
C GLY A 269 -2.87 -13.37 -7.06
N LEU A 270 -3.95 -12.83 -7.62
CA LEU A 270 -4.43 -13.28 -8.93
C LEU A 270 -3.40 -12.99 -10.03
N SER A 271 -2.59 -11.92 -9.86
CA SER A 271 -1.64 -11.52 -10.91
C SER A 271 -0.35 -12.34 -10.87
N ILE A 272 -0.17 -13.19 -9.86
CA ILE A 272 1.06 -13.99 -9.73
C ILE A 272 0.76 -15.50 -9.83
N GLN A 273 0.75 -16.03 -11.05
CA GLN A 273 0.24 -17.39 -11.26
C GLN A 273 1.27 -18.24 -12.02
N SER B 11 3.73 5.98 26.69
CA SER B 11 4.52 7.11 27.26
C SER B 11 4.73 8.17 26.18
N SER B 12 4.44 9.42 26.56
CA SER B 12 4.27 10.54 25.63
C SER B 12 5.63 11.04 25.15
N GLY B 13 6.72 10.44 25.67
CA GLY B 13 8.06 10.74 25.16
C GLY B 13 8.39 9.88 23.93
N MET B 14 7.67 8.76 23.76
CA MET B 14 7.81 7.85 22.61
C MET B 14 6.76 8.14 21.53
N ASN B 15 7.26 8.40 20.32
CA ASN B 15 6.53 8.65 19.09
C ASN B 15 5.46 7.56 18.84
N ARG B 16 4.23 7.96 18.57
CA ARG B 16 3.13 7.05 18.20
C ARG B 16 3.15 6.81 16.67
N HIS B 17 3.82 7.72 15.94
CA HIS B 17 4.09 7.67 14.51
C HIS B 17 2.92 8.10 13.63
N THR B 18 1.69 7.77 14.04
CA THR B 18 0.51 8.20 13.29
C THR B 18 -0.60 8.56 14.27
N ASP B 19 -1.55 9.36 13.80
CA ASP B 19 -2.78 9.62 14.55
C ASP B 19 -3.86 8.64 14.13
N THR B 20 -3.61 7.80 13.10
CA THR B 20 -4.63 6.87 12.66
C THR B 20 -4.88 5.82 13.72
N HIS B 21 -6.11 5.31 13.81
CA HIS B 21 -6.42 4.25 14.75
C HIS B 21 -6.93 3.02 14.01
N TYR B 22 -6.22 1.89 14.18
CA TYR B 22 -6.60 0.64 13.56
C TYR B 22 -7.15 -0.29 14.63
N PRO B 23 -8.48 -0.36 14.82
CA PRO B 23 -9.06 -1.28 15.80
C PRO B 23 -8.59 -2.73 15.63
N SER B 24 -8.43 -3.19 14.37
CA SER B 24 -8.04 -4.58 14.12
C SER B 24 -6.64 -4.93 14.66
N LEU B 25 -5.83 -3.91 15.02
CA LEU B 25 -4.49 -4.16 15.53
C LEU B 25 -4.44 -4.42 17.05
N ALA B 26 -5.43 -3.92 17.78
CA ALA B 26 -5.49 -4.11 19.23
C ALA B 26 -5.34 -5.59 19.59
N ASP B 27 -4.40 -5.89 20.52
CA ASP B 27 -4.26 -7.25 21.05
C ASP B 27 -3.47 -8.18 20.12
N LYS B 28 -3.17 -7.75 18.90
CA LYS B 28 -2.51 -8.65 17.97
C LYS B 28 -1.07 -8.84 18.41
N VAL B 29 -0.53 -10.06 18.19
CA VAL B 29 0.85 -10.42 18.52
C VAL B 29 1.75 -10.11 17.34
N VAL B 30 2.65 -9.15 17.54
CA VAL B 30 3.56 -8.67 16.52
C VAL B 30 5.00 -9.02 16.93
N LEU B 31 5.78 -9.59 15.98
CA LEU B 31 7.17 -9.91 16.19
C LEU B 31 8.07 -9.19 15.18
N ILE B 32 9.07 -8.47 15.64
CA ILE B 32 9.92 -7.64 14.78
C ILE B 32 11.39 -7.90 15.10
N SER B 33 12.18 -8.20 14.06
CA SER B 33 13.59 -8.48 14.22
C SER B 33 14.34 -7.18 13.97
N GLY B 34 15.52 -7.02 14.62
CA GLY B 34 16.25 -5.76 14.60
C GLY B 34 15.41 -4.61 15.15
N GLY B 35 14.66 -4.88 16.23
CA GLY B 35 13.60 -4.04 16.77
C GLY B 35 14.08 -2.92 17.70
N ALA B 36 15.38 -2.85 18.03
CA ALA B 36 15.78 -2.00 19.14
C ALA B 36 16.36 -0.68 18.62
N SER B 37 16.50 -0.52 17.31
CA SER B 37 17.00 0.74 16.80
C SER B 37 16.30 1.07 15.50
N GLY B 38 16.45 2.34 15.06
CA GLY B 38 16.10 2.82 13.73
C GLY B 38 14.66 2.44 13.34
N ILE B 39 14.53 1.85 12.14
CA ILE B 39 13.24 1.54 11.57
C ILE B 39 12.52 0.52 12.45
N GLY B 40 13.26 -0.49 12.93
CA GLY B 40 12.66 -1.55 13.74
C GLY B 40 12.08 -1.00 15.05
N ARG B 41 12.78 0.00 15.62
CA ARG B 41 12.34 0.62 16.86
C ARG B 41 11.02 1.33 16.59
N ALA B 42 10.98 2.04 15.46
CA ALA B 42 9.77 2.75 15.07
C ALA B 42 8.58 1.80 14.88
N PHE B 43 8.83 0.63 14.29
CA PHE B 43 7.77 -0.37 14.20
C PHE B 43 7.27 -0.69 15.59
N VAL B 44 8.21 -0.92 16.52
CA VAL B 44 7.85 -1.41 17.85
C VAL B 44 6.97 -0.38 18.53
N GLU B 45 7.38 0.88 18.47
CA GLU B 45 6.65 1.98 19.07
C GLU B 45 5.25 2.11 18.44
N ALA B 46 5.20 2.07 17.09
CA ALA B 46 3.94 2.32 16.39
C ALA B 46 2.90 1.25 16.74
N PHE B 47 3.31 -0.01 16.86
CA PHE B 47 2.33 -1.08 17.07
C PHE B 47 1.90 -1.11 18.53
N VAL B 48 2.85 -0.77 19.40
CA VAL B 48 2.57 -0.65 20.82
C VAL B 48 1.50 0.40 20.98
N ALA B 49 1.68 1.53 20.27
CA ALA B 49 0.74 2.64 20.36
C ALA B 49 -0.64 2.29 19.83
N GLN B 50 -0.76 1.18 19.08
CA GLN B 50 -2.03 0.72 18.55
C GLN B 50 -2.63 -0.39 19.43
N GLY B 51 -1.95 -0.64 20.56
CA GLY B 51 -2.43 -1.60 21.54
C GLY B 51 -2.15 -3.05 21.14
N SER B 52 -1.20 -3.24 20.22
CA SER B 52 -0.67 -4.57 19.95
C SER B 52 0.20 -5.03 21.11
N ARG B 53 0.34 -6.36 21.22
CA ARG B 53 1.39 -7.03 22.01
C ARG B 53 2.61 -7.31 21.12
N VAL B 54 3.70 -6.55 21.33
CA VAL B 54 4.83 -6.50 20.40
C VAL B 54 6.07 -7.13 21.06
N ALA B 55 6.55 -8.24 20.46
CA ALA B 55 7.87 -8.81 20.76
C ALA B 55 8.88 -8.25 19.77
N PHE B 56 10.10 -7.97 20.23
CA PHE B 56 11.18 -7.65 19.32
C PHE B 56 12.48 -8.37 19.71
N LEU B 57 13.28 -8.65 18.66
CA LEU B 57 14.57 -9.34 18.70
C LEU B 57 15.63 -8.30 18.38
N ASP B 58 16.76 -8.36 19.08
CA ASP B 58 17.90 -7.52 18.71
C ASP B 58 19.16 -8.07 19.37
N LEU B 59 20.29 -7.79 18.74
CA LEU B 59 21.57 -8.22 19.28
C LEU B 59 21.98 -7.30 20.44
N ASP B 60 21.56 -6.04 20.39
CA ASP B 60 21.97 -5.05 21.38
C ASP B 60 21.04 -5.10 22.60
N ALA B 61 21.50 -5.78 23.65
CA ALA B 61 20.73 -6.05 24.86
C ALA B 61 20.36 -4.78 25.63
N GLU B 62 21.29 -3.82 25.74
CA GLU B 62 21.04 -2.59 26.51
C GLU B 62 20.07 -1.68 25.75
N ALA B 63 20.24 -1.56 24.43
CA ALA B 63 19.26 -0.81 23.65
C ALA B 63 17.90 -1.52 23.72
N GLY B 64 17.91 -2.85 23.66
CA GLY B 64 16.68 -3.63 23.68
C GLY B 64 15.88 -3.38 24.95
N GLN B 65 16.57 -3.50 26.09
CA GLN B 65 15.95 -3.41 27.40
C GLN B 65 15.50 -1.97 27.67
N GLY B 66 16.26 -0.97 27.23
CA GLY B 66 15.83 0.41 27.38
C GLY B 66 14.53 0.71 26.62
N LEU B 67 14.40 0.11 25.44
CA LEU B 67 13.22 0.37 24.63
C LEU B 67 12.03 -0.32 25.28
N ALA B 68 12.20 -1.57 25.73
CA ALA B 68 11.14 -2.31 26.39
C ALA B 68 10.70 -1.62 27.69
N HIS B 69 11.69 -1.05 28.40
CA HIS B 69 11.41 -0.27 29.59
C HIS B 69 10.57 0.94 29.22
N ALA B 70 10.94 1.67 28.16
CA ALA B 70 10.16 2.83 27.77
C ALA B 70 8.71 2.47 27.36
N LEU B 71 8.50 1.27 26.78
CA LEU B 71 7.21 0.95 26.15
C LEU B 71 6.29 0.20 27.12
N GLY B 72 6.87 -0.48 28.11
CA GLY B 72 6.02 -1.11 29.10
C GLY B 72 5.67 -2.54 28.72
N ALA B 73 4.64 -3.09 29.38
CA ALA B 73 4.51 -4.53 29.49
C ALA B 73 3.81 -5.15 28.28
N ASN B 74 3.37 -4.31 27.33
CA ASN B 74 2.90 -4.82 26.04
C ASN B 74 4.05 -4.90 25.03
N SER B 75 5.28 -4.62 25.49
CA SER B 75 6.51 -4.83 24.74
C SER B 75 7.29 -5.95 25.40
N LEU B 76 7.92 -6.78 24.57
CA LEU B 76 8.75 -7.87 25.06
C LEU B 76 10.04 -7.90 24.27
N PHE B 77 11.17 -7.68 24.96
CA PHE B 77 12.48 -7.68 24.32
C PHE B 77 13.13 -9.04 24.52
N LEU B 78 13.51 -9.70 23.42
CA LEU B 78 14.25 -10.96 23.48
C LEU B 78 15.59 -10.71 22.83
N PRO B 79 16.70 -10.92 23.58
CA PRO B 79 18.02 -10.90 22.96
C PRO B 79 18.16 -12.03 21.93
N CYS B 80 18.75 -11.70 20.77
CA CYS B 80 18.83 -12.69 19.70
C CYS B 80 19.81 -12.23 18.65
N ASP B 81 20.76 -13.10 18.34
CA ASP B 81 21.60 -12.95 17.16
C ASP B 81 20.94 -13.77 16.05
N VAL B 82 20.43 -13.08 15.03
CA VAL B 82 19.57 -13.71 14.02
C VAL B 82 20.37 -14.71 13.18
N ARG B 83 21.70 -14.52 13.11
CA ARG B 83 22.63 -15.50 12.58
C ARG B 83 22.38 -16.86 13.21
N ASP B 84 22.04 -16.86 14.51
CA ASP B 84 21.79 -18.10 15.24
C ASP B 84 20.35 -18.52 15.08
N ILE B 85 20.11 -19.43 14.14
CA ILE B 85 18.75 -19.86 13.83
C ILE B 85 18.13 -20.61 15.01
N GLU B 86 18.96 -21.29 15.81
CA GLU B 86 18.46 -22.08 16.93
C GLU B 86 17.82 -21.15 17.97
N ARG B 87 18.53 -20.05 18.28
CA ARG B 87 18.05 -19.01 19.17
C ARG B 87 16.83 -18.31 18.55
N LEU B 88 16.90 -17.97 17.26
CA LEU B 88 15.73 -17.43 16.54
C LEU B 88 14.52 -18.32 16.73
N LYS B 89 14.63 -19.64 16.53
CA LYS B 89 13.45 -20.48 16.72
C LYS B 89 13.06 -20.55 18.21
N ALA B 90 14.03 -20.41 19.13
CA ALA B 90 13.64 -20.39 20.53
C ALA B 90 12.89 -19.09 20.86
N CYS B 91 13.35 -17.96 20.29
CA CYS B 91 12.69 -16.69 20.52
C CYS B 91 11.24 -16.76 20.08
N VAL B 92 10.98 -17.38 18.93
CA VAL B 92 9.64 -17.53 18.39
C VAL B 92 8.81 -18.37 19.35
N ALA B 93 9.36 -19.53 19.76
CA ALA B 93 8.65 -20.48 20.63
C ALA B 93 8.23 -19.77 21.92
N GLU B 94 9.10 -18.87 22.41
CA GLU B 94 8.90 -18.16 23.66
C GLU B 94 7.76 -17.15 23.49
N VAL B 95 7.76 -16.47 22.34
CA VAL B 95 6.68 -15.54 22.06
C VAL B 95 5.35 -16.31 22.02
N GLU B 96 5.33 -17.44 21.33
CA GLU B 96 4.13 -18.25 21.24
C GLU B 96 3.61 -18.68 22.59
N ARG B 97 4.52 -19.06 23.50
CA ARG B 97 4.13 -19.55 24.82
C ARG B 97 3.54 -18.41 25.65
N THR B 98 4.18 -17.23 25.59
CA THR B 98 3.70 -16.08 26.32
C THR B 98 2.33 -15.64 25.82
N TRP B 99 2.20 -15.37 24.51
CA TRP B 99 1.09 -14.59 23.98
C TRP B 99 0.24 -15.38 22.99
N GLY B 100 0.67 -16.59 22.59
CA GLY B 100 -0.01 -17.33 21.54
C GLY B 100 0.64 -17.12 20.15
N ALA B 101 0.04 -17.73 19.10
CA ALA B 101 0.52 -17.63 17.72
C ALA B 101 0.80 -16.17 17.32
N VAL B 102 1.93 -15.93 16.63
CA VAL B 102 2.19 -14.63 16.06
C VAL B 102 1.10 -14.26 15.05
N ASP B 103 0.62 -13.01 15.13
CA ASP B 103 -0.31 -12.44 14.15
C ASP B 103 0.49 -11.78 13.02
N VAL B 104 1.50 -10.98 13.37
CA VAL B 104 2.22 -10.18 12.40
C VAL B 104 3.71 -10.43 12.60
N LEU B 105 4.43 -10.83 11.53
CA LEU B 105 5.89 -10.95 11.61
C LEU B 105 6.49 -9.88 10.71
N ILE B 106 7.44 -9.12 11.22
CA ILE B 106 8.18 -8.20 10.39
C ILE B 106 9.65 -8.63 10.37
N ASN B 107 10.10 -9.18 9.24
CA ASN B 107 11.48 -9.55 9.07
C ASN B 107 12.24 -8.30 8.70
N ASN B 108 12.90 -7.68 9.69
CA ASN B 108 13.49 -6.35 9.56
C ASN B 108 15.02 -6.41 9.71
N ALA B 109 15.55 -7.40 10.44
CA ALA B 109 16.97 -7.35 10.80
C ALA B 109 17.87 -7.44 9.57
N ALA B 110 18.88 -6.57 9.51
CA ALA B 110 19.71 -6.49 8.33
C ALA B 110 20.96 -5.70 8.68
N ARG B 111 22.02 -5.88 7.87
CA ARG B 111 23.27 -5.14 8.00
C ARG B 111 23.65 -4.58 6.63
N ASP B 112 23.69 -3.25 6.55
CA ASP B 112 23.95 -2.61 5.28
C ASP B 112 25.35 -1.98 5.26
N ASP B 113 26.31 -2.60 5.97
CA ASP B 113 27.71 -2.16 5.85
C ASP B 113 28.13 -2.19 4.37
N ARG B 114 28.76 -1.11 3.90
CA ARG B 114 29.23 -1.01 2.52
C ARG B 114 30.43 -1.93 2.32
N HIS B 115 30.59 -2.46 1.10
CA HIS B 115 31.67 -3.39 0.79
C HIS B 115 31.85 -3.46 -0.73
N ALA B 116 33.10 -3.39 -1.22
CA ALA B 116 33.40 -3.47 -2.64
C ALA B 116 33.35 -4.92 -3.16
N LEU B 117 32.92 -5.09 -4.42
CA LEU B 117 32.82 -6.42 -5.05
C LEU B 117 34.10 -7.23 -4.86
N ALA B 118 35.25 -6.62 -5.16
CA ALA B 118 36.54 -7.32 -5.18
C ALA B 118 36.98 -7.74 -3.78
N ASP B 119 36.47 -7.07 -2.73
CA ASP B 119 36.90 -7.29 -1.35
C ASP B 119 36.11 -8.39 -0.64
N VAL B 120 34.94 -8.77 -1.14
CA VAL B 120 34.12 -9.77 -0.46
C VAL B 120 34.88 -11.10 -0.41
N SER B 121 35.01 -11.69 0.78
CA SER B 121 35.57 -13.03 0.93
C SER B 121 34.41 -14.00 1.06
N VAL B 122 34.69 -15.30 1.07
CA VAL B 122 33.65 -16.32 1.23
C VAL B 122 32.99 -16.22 2.59
N GLU B 123 33.82 -15.94 3.62
CA GLU B 123 33.34 -15.80 4.99
C GLU B 123 32.38 -14.60 5.09
N TYR B 124 32.76 -13.46 4.50
CA TYR B 124 31.98 -12.25 4.61
C TYR B 124 30.64 -12.42 3.92
N TRP B 125 30.65 -13.11 2.77
CA TRP B 125 29.48 -13.35 1.95
C TRP B 125 28.50 -14.17 2.77
N ASP B 126 29.00 -15.26 3.34
CA ASP B 126 28.13 -16.19 4.06
C ASP B 126 27.51 -15.51 5.26
N GLU B 127 28.30 -14.71 5.98
CA GLU B 127 27.82 -14.10 7.21
C GLU B 127 26.75 -13.06 6.87
N ARG B 128 27.02 -12.28 5.80
CA ARG B 128 26.11 -11.24 5.34
C ARG B 128 24.78 -11.86 4.91
N MET B 129 24.84 -13.06 4.31
CA MET B 129 23.63 -13.73 3.86
C MET B 129 22.84 -14.26 5.04
N GLN B 130 23.56 -14.72 6.07
CA GLN B 130 22.92 -15.23 7.29
C GLN B 130 22.22 -14.10 8.07
N THR B 131 22.85 -12.93 8.08
CA THR B 131 22.39 -11.72 8.77
C THR B 131 21.25 -11.01 8.03
N ASN B 132 21.26 -11.09 6.68
CA ASN B 132 20.38 -10.28 5.82
C ASN B 132 19.24 -11.10 5.20
N LEU B 133 19.40 -12.41 5.01
CA LEU B 133 18.41 -13.18 4.28
C LEU B 133 17.86 -14.38 5.07
N ARG B 134 18.77 -15.22 5.61
CA ARG B 134 18.40 -16.59 5.97
C ARG B 134 17.34 -16.59 7.07
N HIS B 135 17.48 -15.63 8.00
CA HIS B 135 16.62 -15.56 9.18
C HIS B 135 15.19 -15.26 8.76
N ALA B 136 15.04 -14.45 7.70
CA ALA B 136 13.70 -14.09 7.29
C ALA B 136 12.94 -15.36 6.91
N PHE B 137 13.65 -16.33 6.35
CA PHE B 137 12.98 -17.54 5.88
C PHE B 137 12.58 -18.39 7.09
N PHE B 138 13.53 -18.59 8.01
CA PHE B 138 13.32 -19.43 9.18
C PHE B 138 12.29 -18.81 10.12
N ALA B 139 12.33 -17.49 10.30
CA ALA B 139 11.30 -16.81 11.09
C ALA B 139 9.92 -17.07 10.50
N ALA B 140 9.81 -17.00 9.17
CA ALA B 140 8.54 -17.26 8.50
C ALA B 140 8.12 -18.72 8.71
N GLN B 141 9.09 -19.62 8.55
CA GLN B 141 8.83 -21.05 8.75
C GLN B 141 8.36 -21.33 10.19
N ALA B 142 8.88 -20.58 11.17
CA ALA B 142 8.55 -20.81 12.57
C ALA B 142 7.14 -20.32 12.91
N VAL B 143 6.77 -19.14 12.38
CA VAL B 143 5.48 -18.55 12.73
C VAL B 143 4.36 -19.26 11.97
N ALA B 144 4.68 -19.86 10.83
CA ALA B 144 3.65 -20.27 9.90
C ALA B 144 2.68 -21.28 10.54
N PRO B 145 3.14 -22.37 11.18
CA PRO B 145 2.21 -23.42 11.60
C PRO B 145 1.13 -22.94 12.58
N GLY B 146 1.53 -22.09 13.53
CA GLY B 146 0.64 -21.43 14.46
C GLY B 146 -0.37 -20.51 13.76
N MET B 147 0.11 -19.72 12.78
CA MET B 147 -0.79 -18.91 11.97
C MET B 147 -1.82 -19.82 11.30
N ALA B 148 -1.37 -20.96 10.81
CA ALA B 148 -2.23 -21.78 9.98
C ALA B 148 -3.31 -22.42 10.84
N ARG B 149 -2.95 -22.75 12.09
CA ARG B 149 -3.88 -23.34 13.06
C ARG B 149 -5.03 -22.36 13.25
N ARG B 150 -4.70 -21.09 13.47
CA ARG B 150 -5.70 -20.03 13.60
C ARG B 150 -6.43 -19.81 12.26
N GLY B 151 -5.72 -19.94 11.13
CA GLY B 151 -6.31 -19.67 9.82
C GLY B 151 -6.11 -18.22 9.38
N SER B 152 -5.10 -17.55 9.94
CA SER B 152 -4.85 -16.15 9.60
C SER B 152 -3.44 -15.78 10.03
N GLY B 153 -2.89 -14.75 9.41
CA GLY B 153 -1.63 -14.14 9.85
C GLY B 153 -1.06 -13.29 8.71
N ALA B 154 -0.06 -12.47 9.03
CA ALA B 154 0.50 -11.54 8.08
C ALA B 154 2.01 -11.50 8.29
N ILE B 155 2.75 -11.51 7.17
CA ILE B 155 4.20 -11.41 7.19
C ILE B 155 4.61 -10.21 6.35
N ILE B 156 5.58 -9.43 6.82
CA ILE B 156 6.08 -8.29 6.08
C ILE B 156 7.59 -8.48 5.99
N ASN B 157 8.12 -8.60 4.76
CA ASN B 157 9.54 -8.70 4.55
C ASN B 157 10.03 -7.31 4.23
N MET B 158 11.01 -6.80 4.98
CA MET B 158 11.61 -5.53 4.63
C MET B 158 12.51 -5.70 3.41
N GLY B 159 12.06 -5.09 2.31
CA GLY B 159 12.75 -5.03 1.02
C GLY B 159 13.60 -3.77 0.98
N SER B 160 14.02 -3.37 -0.23
CA SER B 160 14.82 -2.17 -0.40
C SER B 160 14.80 -1.80 -1.88
N ILE B 161 14.76 -0.51 -2.17
CA ILE B 161 14.80 -0.08 -3.56
C ILE B 161 16.25 -0.16 -4.07
N SER B 162 17.22 -0.43 -3.19
CA SER B 162 18.63 -0.46 -3.58
C SER B 162 18.87 -1.40 -4.77
N TRP B 163 18.33 -2.63 -4.70
CA TRP B 163 18.62 -3.55 -5.80
C TRP B 163 17.85 -3.12 -7.03
N MET B 164 16.66 -2.55 -6.82
CA MET B 164 15.84 -2.07 -7.94
C MET B 164 16.60 -1.00 -8.75
N ARG B 165 17.25 -0.09 -8.04
CA ARG B 165 18.08 0.98 -8.62
C ARG B 165 19.51 0.49 -8.89
N GLY B 166 19.77 -0.81 -8.66
CA GLY B 166 21.06 -1.39 -9.02
C GLY B 166 22.19 -0.65 -8.30
N ARG B 167 22.01 -0.39 -7.00
CA ARG B 167 22.99 0.36 -6.20
C ARG B 167 24.24 -0.49 -6.02
N PRO B 168 25.43 0.08 -6.40
CA PRO B 168 26.69 -0.64 -6.27
C PRO B 168 27.26 -0.54 -4.86
N GLY B 169 28.23 -1.41 -4.52
CA GLY B 169 29.04 -1.18 -3.34
C GLY B 169 28.51 -1.85 -2.07
N MET B 170 27.58 -2.81 -2.22
CA MET B 170 27.10 -3.57 -1.08
C MET B 170 26.33 -4.81 -1.58
N VAL B 171 27.03 -5.58 -2.42
CA VAL B 171 26.47 -6.68 -3.19
C VAL B 171 25.69 -7.64 -2.27
N CYS B 172 26.22 -7.93 -1.07
CA CYS B 172 25.58 -8.93 -0.23
C CYS B 172 24.20 -8.47 0.25
N TYR B 173 24.10 -7.17 0.58
CA TYR B 173 22.90 -6.55 1.11
C TYR B 173 21.85 -6.45 0.01
N THR B 174 22.25 -5.94 -1.17
CA THR B 174 21.34 -5.71 -2.28
C THR B 174 20.84 -7.08 -2.78
N THR B 175 21.71 -8.09 -2.69
CA THR B 175 21.38 -9.40 -3.24
C THR B 175 20.37 -10.08 -2.32
N ALA B 176 20.59 -9.95 -1.00
CA ALA B 176 19.67 -10.48 0.00
C ALA B 176 18.27 -9.86 -0.16
N LYS B 177 18.26 -8.53 -0.28
CA LYS B 177 17.05 -7.75 -0.49
C LYS B 177 16.30 -8.25 -1.74
N ALA B 178 17.01 -8.44 -2.85
CA ALA B 178 16.42 -8.96 -4.10
C ALA B 178 15.80 -10.33 -3.86
N ALA B 179 16.50 -11.16 -3.07
CA ALA B 179 16.08 -12.50 -2.74
C ALA B 179 14.74 -12.49 -2.02
N LEU B 180 14.58 -11.57 -1.07
CA LEU B 180 13.34 -11.39 -0.30
C LEU B 180 12.16 -11.00 -1.20
N ASN B 181 12.46 -10.25 -2.27
CA ASN B 181 11.47 -9.90 -3.28
C ASN B 181 10.83 -11.16 -3.85
N GLY B 182 11.68 -12.15 -4.17
CA GLY B 182 11.13 -13.40 -4.69
C GLY B 182 10.49 -14.24 -3.60
N MET B 183 11.12 -14.31 -2.41
CA MET B 183 10.59 -15.14 -1.35
C MET B 183 9.18 -14.70 -0.96
N THR B 184 8.94 -13.39 -0.95
CA THR B 184 7.59 -12.88 -0.76
C THR B 184 6.56 -13.54 -1.71
N ARG B 185 6.86 -13.58 -3.02
CA ARG B 185 5.90 -14.08 -4.00
C ARG B 185 5.61 -15.57 -3.79
N THR B 186 6.68 -16.38 -3.57
CA THR B 186 6.48 -17.83 -3.48
C THR B 186 5.86 -18.19 -2.12
N LEU B 187 6.29 -17.50 -1.05
CA LEU B 187 5.67 -17.71 0.25
C LEU B 187 4.19 -17.38 0.21
N ALA B 188 3.83 -16.29 -0.51
CA ALA B 188 2.44 -15.89 -0.61
C ALA B 188 1.63 -17.04 -1.20
N ARG B 189 2.21 -17.74 -2.17
CA ARG B 189 1.48 -18.83 -2.79
C ARG B 189 1.49 -20.04 -1.85
N GLU B 190 2.68 -20.36 -1.32
CA GLU B 190 2.84 -21.53 -0.46
C GLU B 190 1.88 -21.45 0.72
N LEU B 191 1.65 -20.25 1.28
CA LEU B 191 0.99 -20.16 2.58
C LEU B 191 -0.40 -19.55 2.48
N GLY B 192 -0.71 -18.95 1.32
CA GLY B 192 -1.99 -18.27 1.15
C GLY B 192 -3.19 -19.16 1.47
N GLY B 193 -3.10 -20.45 1.10
CA GLY B 193 -4.22 -21.36 1.31
C GLY B 193 -4.51 -21.53 2.79
N GLN B 194 -3.54 -21.16 3.65
CA GLN B 194 -3.66 -21.26 5.10
C GLN B 194 -4.15 -19.96 5.74
N GLY B 195 -4.46 -18.93 4.93
CA GLY B 195 -4.92 -17.66 5.47
C GLY B 195 -3.80 -16.66 5.70
N ILE B 196 -2.56 -17.01 5.35
CA ILE B 196 -1.42 -16.16 5.67
C ILE B 196 -1.12 -15.33 4.43
N ARG B 197 -1.01 -14.01 4.63
CA ARG B 197 -0.62 -13.10 3.58
C ARG B 197 0.80 -12.64 3.85
N ILE B 198 1.54 -12.41 2.77
CA ILE B 198 2.93 -12.06 2.86
C ILE B 198 3.18 -10.97 1.83
N ASN B 199 3.73 -9.84 2.28
CA ASN B 199 4.05 -8.77 1.35
C ASN B 199 5.41 -8.21 1.72
N SER B 200 5.93 -7.32 0.88
CA SER B 200 7.23 -6.73 1.19
C SER B 200 7.04 -5.22 1.34
N LEU B 201 7.58 -4.67 2.44
CA LEU B 201 7.58 -3.23 2.64
C LEU B 201 8.94 -2.75 2.14
N VAL B 202 8.95 -1.78 1.21
CA VAL B 202 10.15 -1.45 0.46
C VAL B 202 10.46 0.03 0.67
N PRO B 203 11.32 0.40 1.64
CA PRO B 203 11.60 1.82 1.84
C PRO B 203 12.62 2.37 0.86
N GLY B 204 12.62 3.68 0.73
CA GLY B 204 13.63 4.43 0.02
C GLY B 204 14.68 4.82 1.05
N ALA B 205 15.20 6.04 0.93
CA ALA B 205 16.28 6.51 1.81
C ALA B 205 15.68 7.15 3.05
N ILE B 206 15.69 6.39 4.12
CA ILE B 206 15.06 6.73 5.38
C ILE B 206 16.12 7.38 6.29
N ARG B 207 15.83 8.60 6.76
CA ARG B 207 16.68 9.28 7.73
C ARG B 207 16.52 8.54 9.05
N THR B 208 17.64 8.04 9.63
CA THR B 208 17.64 7.49 10.98
C THR B 208 18.90 7.97 11.70
N GLU B 209 19.02 7.60 12.98
CA GLU B 209 20.15 7.94 13.83
C GLU B 209 21.43 7.27 13.29
N ARG B 210 21.32 5.99 12.93
CA ARG B 210 22.41 5.16 12.45
C ARG B 210 22.96 5.67 11.12
N GLN B 211 22.10 6.09 10.19
CA GLN B 211 22.58 6.71 8.95
C GLN B 211 23.42 7.95 9.30
N ASP B 212 24.57 8.09 8.62
CA ASP B 212 25.62 9.05 8.97
C ASP B 212 25.84 9.06 10.48
N GLY B 221 28.27 17.50 5.61
CA GLY B 221 28.36 16.52 4.51
C GLY B 221 27.20 15.53 4.60
N LEU B 222 26.66 15.40 5.81
CA LEU B 222 25.38 14.76 6.04
C LEU B 222 24.31 15.62 5.35
N GLU B 223 24.35 16.94 5.61
CA GLU B 223 23.40 17.87 5.02
C GLU B 223 23.43 17.75 3.50
N ALA B 224 24.64 17.61 2.94
CA ALA B 224 24.79 17.61 1.50
C ALA B 224 24.13 16.36 0.91
N ALA B 225 24.36 15.22 1.54
CA ALA B 225 23.87 13.92 1.09
C ALA B 225 22.34 13.87 1.23
N SER B 226 21.84 14.50 2.30
CA SER B 226 20.40 14.62 2.51
C SER B 226 19.75 15.44 1.41
N GLN B 227 20.41 16.54 0.98
CA GLN B 227 19.88 17.37 -0.09
C GLN B 227 19.84 16.61 -1.41
N ALA B 228 20.85 15.76 -1.66
CA ALA B 228 20.93 15.02 -2.90
C ALA B 228 19.76 14.04 -2.99
N PHE B 229 19.35 13.45 -1.85
CA PHE B 229 18.17 12.60 -1.82
C PHE B 229 16.92 13.41 -2.16
N ILE B 230 16.81 14.63 -1.62
CA ILE B 230 15.64 15.46 -1.89
C ILE B 230 15.61 15.81 -3.37
N ASP B 231 16.79 16.08 -3.95
CA ASP B 231 16.82 16.51 -5.34
C ASP B 231 16.44 15.33 -6.23
N GLN B 232 16.76 14.12 -5.78
CA GLN B 232 16.55 12.93 -6.60
C GLN B 232 15.11 12.43 -6.51
N GLN B 233 14.51 12.62 -5.32
CA GLN B 233 13.16 12.21 -4.99
C GLN B 233 12.15 13.05 -5.75
N MET B 234 10.94 12.50 -5.98
CA MET B 234 9.84 13.27 -6.56
C MET B 234 9.21 14.20 -5.54
N LEU B 235 9.03 13.76 -4.29
CA LEU B 235 8.50 14.60 -3.21
C LEU B 235 9.67 15.22 -2.46
N LYS B 236 9.65 16.54 -2.24
CA LYS B 236 10.86 17.22 -1.85
C LYS B 236 10.99 17.34 -0.33
N PHE B 237 10.90 16.22 0.40
CA PHE B 237 11.17 16.19 1.83
C PHE B 237 11.83 14.85 2.16
N ARG B 238 12.51 14.77 3.31
CA ARG B 238 13.19 13.53 3.68
C ARG B 238 12.17 12.61 4.34
N LEU B 239 12.25 11.32 4.01
CA LEU B 239 11.45 10.31 4.67
C LEU B 239 12.14 9.96 5.97
N ASP B 240 11.36 9.48 6.95
CA ASP B 240 11.90 9.02 8.21
C ASP B 240 11.23 7.71 8.58
N ALA B 241 11.55 7.22 9.79
CA ALA B 241 11.14 5.91 10.24
C ALA B 241 9.62 5.83 10.35
N SER B 242 8.99 7.00 10.62
CA SER B 242 7.55 7.09 10.78
C SER B 242 6.87 6.68 9.48
N ASP B 243 7.48 7.10 8.38
CA ASP B 243 6.92 6.77 7.08
C ASP B 243 6.83 5.26 6.90
N CYS B 244 7.85 4.52 7.36
CA CYS B 244 7.89 3.06 7.27
C CYS B 244 6.81 2.45 8.16
N ALA B 245 6.71 2.96 9.39
CA ALA B 245 5.81 2.39 10.37
C ALA B 245 4.35 2.57 9.97
N ARG B 246 4.03 3.73 9.39
CA ARG B 246 2.68 3.98 8.90
C ARG B 246 2.30 2.94 7.83
N LEU B 247 3.27 2.63 6.95
CA LEU B 247 3.01 1.61 5.94
C LEU B 247 2.85 0.24 6.60
N ALA B 248 3.76 -0.10 7.54
CA ALA B 248 3.67 -1.36 8.27
C ALA B 248 2.32 -1.60 8.95
N LEU B 249 1.76 -0.55 9.58
CA LEU B 249 0.50 -0.72 10.32
C LEU B 249 -0.59 -1.14 9.33
N PHE B 250 -0.59 -0.50 8.16
CA PHE B 250 -1.61 -0.77 7.15
C PHE B 250 -1.49 -2.21 6.69
N LEU B 251 -0.25 -2.65 6.43
CA LEU B 251 0.04 -3.98 5.89
C LEU B 251 -0.24 -5.05 6.94
N ALA B 252 -0.20 -4.67 8.22
CA ALA B 252 -0.54 -5.59 9.28
C ALA B 252 -2.04 -5.67 9.57
N SER B 253 -2.76 -4.56 9.39
CA SER B 253 -4.16 -4.47 9.79
C SER B 253 -5.07 -5.27 8.85
N ASP B 254 -6.35 -5.39 9.23
CA ASP B 254 -7.37 -6.04 8.42
C ASP B 254 -7.73 -5.20 7.19
N ASP B 255 -7.21 -3.97 7.11
CA ASP B 255 -7.52 -3.13 5.97
C ASP B 255 -6.74 -3.56 4.72
N SER B 256 -5.72 -4.42 4.89
CA SER B 256 -4.97 -4.94 3.75
C SER B 256 -5.23 -6.43 3.58
N ARG B 257 -6.37 -6.92 4.11
CA ARG B 257 -6.64 -8.36 4.18
C ARG B 257 -6.50 -9.04 2.82
N GLY B 258 -6.84 -8.33 1.72
CA GLY B 258 -6.85 -8.94 0.41
C GLY B 258 -5.51 -8.78 -0.34
N CYS B 259 -4.49 -8.19 0.31
CA CYS B 259 -3.22 -7.89 -0.36
C CYS B 259 -2.19 -8.96 -0.02
N THR B 260 -1.63 -9.64 -1.02
CA THR B 260 -0.59 -10.62 -0.76
C THR B 260 0.30 -10.73 -2.00
N GLY B 261 1.54 -11.18 -1.77
CA GLY B 261 2.52 -11.41 -2.81
C GLY B 261 3.13 -10.15 -3.38
N GLN B 262 2.90 -8.99 -2.72
CA GLN B 262 3.15 -7.73 -3.42
C GLN B 262 4.22 -6.89 -2.73
N ASN B 263 4.82 -5.99 -3.50
CA ASN B 263 5.66 -4.95 -2.93
C ASN B 263 4.83 -3.69 -2.64
N PHE B 264 5.15 -2.97 -1.55
CA PHE B 264 4.60 -1.65 -1.31
C PHE B 264 5.78 -0.72 -1.07
N VAL B 265 5.96 0.28 -1.95
CA VAL B 265 7.21 1.02 -1.95
C VAL B 265 6.95 2.40 -1.37
N VAL B 266 7.72 2.76 -0.32
CA VAL B 266 7.60 4.05 0.34
C VAL B 266 8.94 4.76 0.19
N ASP B 267 9.07 5.59 -0.85
CA ASP B 267 10.38 6.06 -1.26
C ASP B 267 10.34 7.47 -1.85
N ALA B 268 9.19 8.15 -1.77
CA ALA B 268 9.12 9.53 -2.25
C ALA B 268 9.58 9.60 -3.70
N GLY B 269 9.51 8.46 -4.41
CA GLY B 269 9.86 8.46 -5.83
C GLY B 269 11.35 8.21 -6.14
N LEU B 270 12.17 7.89 -5.13
CA LEU B 270 13.62 7.79 -5.33
C LEU B 270 13.96 6.68 -6.34
N SER B 271 13.12 5.63 -6.40
CA SER B 271 13.40 4.46 -7.24
C SER B 271 13.05 4.70 -8.70
N ILE B 272 12.40 5.83 -9.02
CA ILE B 272 11.97 6.14 -10.38
C ILE B 272 12.63 7.42 -10.87
N GLN B 273 13.83 7.28 -11.46
CA GLN B 273 14.69 8.41 -11.76
C GLN B 273 15.24 8.33 -13.19
C1 YZT C . -10.81 -5.75 -13.96
C2 YZT C . -11.71 -6.28 -15.05
C3 YZT C . -12.32 -7.52 -14.52
C4 YZT C . -11.22 -8.56 -14.32
C5 YZT C . -10.09 -7.98 -13.39
C6 YZT C . -8.83 -8.82 -13.23
O1 YZT C . -10.37 -4.45 -14.22
O1S6 YZT C . -9.44 -11.12 -14.26
O2 YZT C . -12.73 -5.36 -15.43
O2S6 YZT C . -7.15 -10.46 -14.22
O3 YZT C . -13.35 -7.94 -15.42
O3S6 YZT C . -8.66 -9.36 -15.77
O4 YZT C . -11.79 -9.72 -13.70
O5 YZT C . -9.70 -6.66 -13.84
S6 YZT C . -8.40 -9.98 -14.51
#